data_9MLM
#
_entry.id   9MLM
#
_cell.length_a   133.496
_cell.length_b   133.496
_cell.length_c   75.317
_cell.angle_alpha   90.00
_cell.angle_beta   90.00
_cell.angle_gamma   120.00
#
_symmetry.space_group_name_H-M   'P 63 2 2'
#
loop_
_entity.id
_entity.type
_entity.pdbx_description
1 polymer 'Dihydrofolate reductase'
2 non-polymer 'NADPH DIHYDRO-NICOTINAMIDE-ADENINE-DINUCLEOTIDE PHOSPHATE'
3 non-polymer '[2-({4-[(2-amino-4-oxo-4,7-dihydro-3H-pyrrolo[2,3-d]pyrimidin-5-yl)methyl]benzene-1-carbonyl}amino)-4-methoxyphenyl]acetic acid'
4 water water
#
_entity_poly.entity_id   1
_entity_poly.type   'polypeptide(L)'
_entity_poly.pdbx_seq_one_letter_code
;MAHHHHHHAMATRTLHMNLIVAVDGCGGIGRNGGMPWFLPAEMARFAKLTTLTTDSGKKNAVIMGRKVWESIPPKFRPLK
SRFNVVLSKKMKEESNENVVVARSFESAVSLLQDMENIETIWNIGGREVYELGLNSPFLHQMYITRVEGDFLADVFFPRV
DYGRFIKSTESEEMHEEKGIKYRYEIYTIKTDKVA
;
_entity_poly.pdbx_strand_id   A
#
loop_
_chem_comp.id
_chem_comp.type
_chem_comp.name
_chem_comp.formula
NDP non-polymer 'NADPH DIHYDRO-NICOTINAMIDE-ADENINE-DINUCLEOTIDE PHOSPHATE' 'C21 H30 N7 O17 P3'
OED non-polymer '[2-({4-[(2-amino-4-oxo-4,7-dihydro-3H-pyrrolo[2,3-d]pyrimidin-5-yl)methyl]benzene-1-carbonyl}amino)-4-methoxyphenyl]acetic acid' 'C23 H21 N5 O5'
#
# COMPACT_ATOMS: atom_id res chain seq x y z
N THR A 14 4.24 18.20 -7.55
CA THR A 14 3.15 17.51 -6.87
C THR A 14 3.43 16.01 -6.75
N LEU A 15 3.58 15.54 -5.52
CA LEU A 15 3.90 14.14 -5.25
C LEU A 15 2.86 13.59 -4.29
N HIS A 16 2.05 12.64 -4.78
CA HIS A 16 1.02 12.02 -3.96
C HIS A 16 1.55 10.78 -3.26
N MET A 17 1.14 10.59 -2.01
CA MET A 17 1.26 9.29 -1.35
C MET A 17 -0.13 8.72 -1.16
N ASN A 18 -0.40 7.59 -1.83
CA ASN A 18 -1.65 6.88 -1.69
C ASN A 18 -1.42 5.60 -0.90
N LEU A 19 -2.38 5.28 -0.03
CA LEU A 19 -2.38 4.02 0.69
C LEU A 19 -3.25 3.03 -0.06
N ILE A 20 -2.81 1.77 -0.11
CA ILE A 20 -3.61 0.70 -0.68
C ILE A 20 -3.57 -0.47 0.29
N VAL A 21 -4.73 -1.04 0.58
CA VAL A 21 -4.86 -2.06 1.62
C VAL A 21 -6.12 -2.85 1.34
N ALA A 22 -6.14 -4.09 1.81
CA ALA A 22 -7.34 -4.91 1.88
C ALA A 22 -7.58 -5.27 3.34
N VAL A 23 -8.75 -4.90 3.87
CA VAL A 23 -9.07 -5.10 5.27
C VAL A 23 -10.34 -5.96 5.37
N ASP A 24 -10.41 -6.78 6.42
CA ASP A 24 -11.60 -7.58 6.63
C ASP A 24 -12.61 -6.78 7.48
N GLY A 25 -13.67 -7.45 7.94
CA GLY A 25 -14.72 -6.76 8.66
C GLY A 25 -14.28 -6.22 10.01
N CYS A 26 -13.19 -6.74 10.56
CA CYS A 26 -12.63 -6.26 11.81
C CYS A 26 -11.49 -5.29 11.61
N GLY A 27 -11.21 -4.90 10.36
CA GLY A 27 -10.04 -4.11 10.05
C GLY A 27 -8.75 -4.90 10.01
N GLY A 28 -8.81 -6.23 9.97
CA GLY A 28 -7.60 -7.02 9.95
C GLY A 28 -6.94 -7.07 8.59
N ILE A 29 -5.60 -7.12 8.59
CA ILE A 29 -4.86 -7.14 7.34
C ILE A 29 -3.91 -8.33 7.26
N GLY A 30 -3.48 -8.87 8.40
CA GLY A 30 -2.44 -9.89 8.39
C GLY A 30 -2.70 -10.98 9.40
N ARG A 31 -2.17 -12.16 9.10
CA ARG A 31 -2.28 -13.30 10.01
C ARG A 31 -1.01 -14.13 9.89
N ASN A 32 -0.30 -14.32 11.00
CA ASN A 32 0.89 -15.17 11.05
C ASN A 32 1.94 -14.74 10.03
N GLY A 33 2.10 -13.43 9.87
CA GLY A 33 3.11 -12.89 8.97
C GLY A 33 2.73 -12.88 7.50
N GLY A 34 1.54 -13.36 7.15
CA GLY A 34 1.11 -13.37 5.77
C GLY A 34 -0.29 -12.83 5.60
N MET A 35 -0.84 -12.97 4.38
CA MET A 35 -2.20 -12.52 4.08
C MET A 35 -3.21 -13.56 4.58
N PRO A 36 -4.35 -13.12 5.11
CA PRO A 36 -5.35 -14.08 5.59
C PRO A 36 -6.22 -14.67 4.48
N TRP A 37 -5.98 -14.27 3.24
CA TRP A 37 -6.78 -14.71 2.11
C TRP A 37 -5.90 -14.69 0.88
N PHE A 38 -6.39 -15.28 -0.21
CA PHE A 38 -5.71 -15.26 -1.49
C PHE A 38 -6.75 -14.86 -2.54
N LEU A 39 -6.58 -13.67 -3.12
CA LEU A 39 -7.55 -13.10 -4.06
C LEU A 39 -6.79 -12.67 -5.31
N PRO A 40 -6.63 -13.58 -6.28
CA PRO A 40 -5.79 -13.24 -7.45
C PRO A 40 -6.28 -12.04 -8.25
N ALA A 41 -7.59 -11.90 -8.43
CA ALA A 41 -8.08 -10.73 -9.18
C ALA A 41 -7.84 -9.45 -8.39
N GLU A 42 -8.05 -9.48 -7.08
CA GLU A 42 -7.78 -8.31 -6.24
C GLU A 42 -6.31 -7.91 -6.33
N MET A 43 -5.41 -8.88 -6.26
CA MET A 43 -3.99 -8.56 -6.34
C MET A 43 -3.59 -8.11 -7.74
N ALA A 44 -4.25 -8.60 -8.79
CA ALA A 44 -4.01 -8.09 -10.13
C ALA A 44 -4.34 -6.59 -10.20
N ARG A 45 -5.45 -6.18 -9.60
CA ARG A 45 -5.77 -4.76 -9.55
C ARG A 45 -4.76 -3.98 -8.72
N PHE A 46 -4.32 -4.56 -7.59
CA PHE A 46 -3.25 -3.95 -6.81
C PHE A 46 -2.03 -3.71 -7.67
N ALA A 47 -1.65 -4.69 -8.48
CA ALA A 47 -0.47 -4.54 -9.33
C ALA A 47 -0.66 -3.42 -10.35
N LYS A 48 -1.85 -3.33 -10.95
CA LYS A 48 -2.10 -2.27 -11.94
C LYS A 48 -2.06 -0.90 -11.28
N LEU A 49 -2.74 -0.72 -10.15
CA LEU A 49 -2.79 0.59 -9.51
C LEU A 49 -1.41 1.05 -9.07
N THR A 50 -0.60 0.15 -8.51
CA THR A 50 0.71 0.56 -8.02
C THR A 50 1.75 0.69 -9.14
N THR A 51 1.52 0.07 -10.30
CA THR A 51 2.52 0.11 -11.36
C THR A 51 2.27 1.19 -12.41
N LEU A 52 1.03 1.38 -12.83
CA LEU A 52 0.75 2.23 -13.97
C LEU A 52 0.99 3.70 -13.66
N THR A 53 1.62 4.41 -14.60
CA THR A 53 1.89 5.83 -14.49
C THR A 53 1.25 6.56 -15.67
N THR A 54 1.03 7.87 -15.48
CA THR A 54 0.56 8.71 -16.57
C THR A 54 1.72 9.07 -17.51
N ASP A 55 2.83 9.51 -16.93
CA ASP A 55 4.05 9.81 -17.68
C ASP A 55 4.82 8.51 -17.88
N SER A 56 4.88 8.03 -19.12
CA SER A 56 5.71 6.88 -19.43
C SER A 56 7.18 7.25 -19.24
N GLY A 57 8.00 6.24 -18.97
CA GLY A 57 9.36 6.52 -18.57
C GLY A 57 9.52 7.10 -17.18
N LYS A 58 8.41 7.43 -16.50
CA LYS A 58 8.41 7.60 -15.06
C LYS A 58 7.92 6.33 -14.39
N LYS A 59 8.12 6.27 -13.08
CA LYS A 59 7.92 5.07 -12.29
C LYS A 59 7.18 5.43 -11.02
N ASN A 60 6.45 4.47 -10.48
CA ASN A 60 5.92 4.61 -9.13
C ASN A 60 6.86 3.95 -8.14
N ALA A 61 6.80 4.41 -6.90
CA ALA A 61 7.49 3.77 -5.80
C ALA A 61 6.47 3.09 -4.89
N VAL A 62 6.87 1.96 -4.31
CA VAL A 62 6.13 1.33 -3.23
C VAL A 62 6.98 1.41 -1.98
N ILE A 63 6.37 1.85 -0.88
CA ILE A 63 7.04 1.88 0.42
C ILE A 63 6.33 0.88 1.32
N MET A 64 7.11 0.05 1.99
CA MET A 64 6.57 -1.07 2.75
C MET A 64 7.48 -1.32 3.95
N GLY A 65 6.92 -2.00 4.95
CA GLY A 65 7.72 -2.44 6.08
C GLY A 65 8.39 -3.76 5.80
N ARG A 66 9.30 -4.15 6.71
CA ARG A 66 10.12 -5.35 6.48
C ARG A 66 9.27 -6.61 6.40
N LYS A 67 8.19 -6.68 7.20
CA LYS A 67 7.42 -7.92 7.18
C LYS A 67 6.59 -8.06 5.91
N VAL A 68 6.12 -6.96 5.33
CA VAL A 68 5.54 -7.03 3.99
C VAL A 68 6.56 -7.56 3.00
N TRP A 69 7.77 -7.01 3.05
CA TRP A 69 8.85 -7.48 2.17
C TRP A 69 9.06 -8.97 2.33
N GLU A 70 9.19 -9.44 3.58
CA GLU A 70 9.39 -10.86 3.83
C GLU A 70 8.21 -11.72 3.40
N SER A 71 7.01 -11.14 3.26
CA SER A 71 5.85 -11.92 2.86
C SER A 71 5.74 -12.11 1.36
N ILE A 72 6.51 -11.39 0.57
CA ILE A 72 6.50 -11.57 -0.89
C ILE A 72 7.44 -12.70 -1.24
N PRO A 73 7.01 -13.67 -2.05
CA PRO A 73 7.93 -14.74 -2.49
C PRO A 73 9.17 -14.15 -3.13
N PRO A 74 10.35 -14.66 -2.79
CA PRO A 74 11.58 -14.05 -3.33
C PRO A 74 11.62 -14.00 -4.84
N LYS A 75 10.93 -14.92 -5.52
CA LYS A 75 10.88 -14.88 -6.98
C LYS A 75 10.13 -13.67 -7.51
N PHE A 76 9.34 -13.00 -6.66
CA PHE A 76 8.61 -11.81 -7.06
C PHE A 76 9.17 -10.54 -6.42
N ARG A 77 10.28 -10.63 -5.70
CA ARG A 77 10.96 -9.51 -5.10
C ARG A 77 12.18 -9.10 -5.92
N PRO A 78 12.40 -7.80 -6.13
CA PRO A 78 11.54 -6.67 -5.74
C PRO A 78 10.29 -6.63 -6.62
N LEU A 79 9.23 -5.95 -6.20
CA LEU A 79 8.03 -5.86 -7.02
C LEU A 79 8.35 -5.20 -8.35
N LYS A 80 8.00 -5.88 -9.44
CA LYS A 80 8.48 -5.49 -10.76
C LYS A 80 7.91 -4.15 -11.21
N SER A 81 8.71 -3.41 -11.98
CA SER A 81 8.35 -2.15 -12.62
C SER A 81 8.07 -1.03 -11.63
N ARG A 82 8.38 -1.24 -10.35
CA ARG A 82 8.21 -0.24 -9.32
C ARG A 82 9.49 -0.14 -8.51
N PHE A 83 9.81 1.07 -8.06
CA PHE A 83 10.94 1.26 -7.15
C PHE A 83 10.49 0.89 -5.74
N ASN A 84 11.19 -0.06 -5.12
CA ASN A 84 10.82 -0.58 -3.81
C ASN A 84 11.63 0.12 -2.72
N VAL A 85 10.94 0.64 -1.72
CA VAL A 85 11.58 1.15 -0.51
C VAL A 85 11.08 0.32 0.66
N VAL A 86 12.02 -0.29 1.40
CA VAL A 86 11.70 -1.14 2.55
C VAL A 86 12.21 -0.44 3.80
N LEU A 87 11.29 -0.12 4.70
CA LEU A 87 11.65 0.42 6.01
C LEU A 87 12.09 -0.71 6.92
N SER A 88 13.27 -0.56 7.52
CA SER A 88 13.79 -1.56 8.44
C SER A 88 15.00 -0.99 9.17
N LYS A 89 15.04 -1.22 10.49
CA LYS A 89 16.23 -0.92 11.26
C LYS A 89 17.22 -2.08 11.28
N LYS A 90 16.79 -3.27 10.88
CA LYS A 90 17.59 -4.48 11.02
C LYS A 90 18.11 -5.03 9.70
N MET A 91 17.46 -4.73 8.58
CA MET A 91 17.85 -5.35 7.32
C MET A 91 19.19 -4.81 6.82
N LYS A 92 20.02 -5.72 6.31
CA LYS A 92 21.21 -5.31 5.58
C LYS A 92 20.79 -4.64 4.27
N GLU A 93 21.69 -3.82 3.74
CA GLU A 93 21.42 -3.13 2.49
C GLU A 93 21.20 -4.12 1.36
N GLU A 94 20.37 -3.72 0.40
CA GLU A 94 19.98 -4.57 -0.72
C GLU A 94 20.71 -4.09 -1.97
N SER A 95 21.51 -4.97 -2.57
CA SER A 95 22.34 -4.59 -3.70
C SER A 95 21.52 -4.31 -4.95
N ASN A 96 20.37 -4.97 -5.11
CA ASN A 96 19.50 -4.73 -6.25
C ASN A 96 19.16 -3.25 -6.34
N GLU A 97 19.35 -2.68 -7.53
CA GLU A 97 19.16 -1.24 -7.70
C GLU A 97 17.70 -0.82 -7.69
N ASN A 98 16.78 -1.77 -7.68
CA ASN A 98 15.35 -1.47 -7.66
C ASN A 98 14.77 -1.47 -6.25
N VAL A 99 15.59 -1.65 -5.23
CA VAL A 99 15.15 -1.68 -3.84
C VAL A 99 16.19 -0.98 -2.98
N VAL A 100 15.74 -0.09 -2.10
CA VAL A 100 16.59 0.53 -1.11
C VAL A 100 16.00 0.30 0.27
N VAL A 101 16.85 0.00 1.24
CA VAL A 101 16.43 -0.11 2.64
C VAL A 101 16.57 1.27 3.26
N ALA A 102 15.46 1.78 3.81
CA ALA A 102 15.45 3.07 4.48
C ALA A 102 15.29 2.86 5.98
N ARG A 103 15.99 3.69 6.77
CA ARG A 103 16.02 3.51 8.21
C ARG A 103 14.96 4.33 8.95
N SER A 104 14.26 5.22 8.25
CA SER A 104 13.17 5.97 8.86
C SER A 104 12.20 6.39 7.77
N PHE A 105 10.96 6.70 8.18
CA PHE A 105 9.96 7.15 7.22
C PHE A 105 10.36 8.48 6.61
N GLU A 106 10.88 9.40 7.44
CA GLU A 106 11.31 10.70 6.92
C GLU A 106 12.39 10.54 5.85
N SER A 107 13.39 9.69 6.11
CA SER A 107 14.45 9.55 5.11
C SER A 107 13.95 8.85 3.85
N ALA A 108 13.00 7.92 3.99
CA ALA A 108 12.43 7.25 2.82
C ALA A 108 11.70 8.25 1.93
N VAL A 109 10.88 9.11 2.53
CA VAL A 109 10.10 10.05 1.74
C VAL A 109 11.00 11.11 1.10
N SER A 110 12.02 11.56 1.85
CA SER A 110 12.95 12.55 1.29
C SER A 110 13.71 11.98 0.11
N LEU A 111 14.13 10.71 0.21
CA LEU A 111 14.83 10.08 -0.90
C LEU A 111 13.92 9.96 -2.12
N LEU A 112 12.64 9.71 -1.91
CA LEU A 112 11.73 9.54 -3.03
C LEU A 112 11.40 10.87 -3.70
N GLN A 113 11.24 11.94 -2.92
CA GLN A 113 10.94 13.22 -3.55
C GLN A 113 12.17 13.79 -4.25
N ASP A 114 13.37 13.31 -3.93
CA ASP A 114 14.56 13.69 -4.68
C ASP A 114 14.63 13.02 -6.05
N MET A 115 13.90 11.91 -6.23
CA MET A 115 13.95 11.16 -7.49
C MET A 115 12.87 11.71 -8.42
N GLU A 116 13.30 12.43 -9.45
CA GLU A 116 12.34 13.10 -10.33
C GLU A 116 11.51 12.12 -11.15
N ASN A 117 11.99 10.90 -11.38
CA ASN A 117 11.26 9.92 -12.16
C ASN A 117 10.21 9.15 -11.36
N ILE A 118 10.01 9.47 -10.08
CA ILE A 118 8.98 8.83 -9.28
C ILE A 118 7.70 9.67 -9.39
N GLU A 119 6.63 9.07 -9.92
CA GLU A 119 5.39 9.79 -10.14
C GLU A 119 4.49 9.78 -8.91
N THR A 120 4.23 8.61 -8.33
CA THR A 120 3.39 8.48 -7.16
C THR A 120 4.05 7.51 -6.18
N ILE A 121 3.86 7.76 -4.88
CA ILE A 121 4.29 6.85 -3.84
C ILE A 121 3.10 6.02 -3.39
N TRP A 122 3.19 4.71 -3.52
CA TRP A 122 2.14 3.81 -3.05
C TRP A 122 2.58 3.19 -1.73
N ASN A 123 1.88 3.52 -0.66
CA ASN A 123 2.16 3.00 0.67
C ASN A 123 1.40 1.69 0.82
N ILE A 124 2.13 0.57 0.85
CA ILE A 124 1.53 -0.76 0.83
C ILE A 124 1.63 -1.42 2.20
N GLY A 125 1.94 -0.63 3.20
CA GLY A 125 1.66 -1.03 4.54
C GLY A 125 2.73 -1.84 5.20
N GLY A 126 2.23 -2.70 6.08
CA GLY A 126 2.61 -2.77 7.44
C GLY A 126 1.81 -1.73 8.22
N ARG A 127 1.25 -2.10 9.38
CA ARG A 127 0.44 -1.16 10.14
C ARG A 127 1.18 0.13 10.44
N GLU A 128 2.43 0.03 10.95
CA GLU A 128 3.14 1.24 11.30
C GLU A 128 3.44 2.10 10.09
N VAL A 129 3.62 1.48 8.92
CA VAL A 129 3.87 2.25 7.70
C VAL A 129 2.61 2.98 7.27
N TYR A 130 1.45 2.33 7.36
CA TYR A 130 0.18 3.01 7.11
C TYR A 130 -0.01 4.18 8.06
N GLU A 131 0.24 3.96 9.35
CA GLU A 131 0.03 5.01 10.34
C GLU A 131 0.86 6.24 10.02
N LEU A 132 2.13 6.04 9.62
CA LEU A 132 2.97 7.16 9.25
C LEU A 132 2.48 7.83 7.97
N GLY A 133 1.99 7.03 7.02
CA GLY A 133 1.39 7.61 5.83
C GLY A 133 0.19 8.47 6.15
N LEU A 134 -0.61 8.04 7.14
CA LEU A 134 -1.80 8.81 7.49
C LEU A 134 -1.47 10.13 8.16
N ASN A 135 -0.21 10.36 8.53
CA ASN A 135 0.23 11.61 9.13
C ASN A 135 1.17 12.40 8.23
N SER A 136 1.33 11.98 6.98
CA SER A 136 2.27 12.58 6.04
C SER A 136 1.63 13.73 5.28
N PRO A 137 2.35 14.84 5.09
CA PRO A 137 1.83 15.92 4.23
C PRO A 137 1.56 15.46 2.81
N PHE A 138 2.17 14.37 2.36
CA PHE A 138 1.95 13.88 1.02
C PHE A 138 0.70 13.02 0.88
N LEU A 139 0.04 12.68 2.00
CA LEU A 139 -1.16 11.85 1.96
C LEU A 139 -2.18 12.39 0.97
N HIS A 140 -2.65 11.51 0.09
CA HIS A 140 -3.60 11.93 -0.94
C HIS A 140 -4.87 11.08 -0.88
N GLN A 141 -4.74 9.80 -1.23
CA GLN A 141 -5.88 8.90 -1.32
C GLN A 141 -5.62 7.61 -0.55
N MET A 142 -6.72 6.96 -0.17
CA MET A 142 -6.71 5.60 0.36
C MET A 142 -7.54 4.72 -0.57
N TYR A 143 -6.95 3.64 -1.05
CA TYR A 143 -7.65 2.64 -1.84
C TYR A 143 -7.83 1.41 -0.96
N ILE A 144 -9.04 1.25 -0.40
CA ILE A 144 -9.32 0.24 0.60
C ILE A 144 -10.24 -0.81 0.00
N THR A 145 -9.78 -2.05 -0.01
CA THR A 145 -10.63 -3.19 -0.33
C THR A 145 -11.26 -3.71 0.96
N ARG A 146 -12.58 -3.66 1.04
CA ARG A 146 -13.27 -4.10 2.25
C ARG A 146 -13.74 -5.53 2.02
N VAL A 147 -13.07 -6.46 2.72
CA VAL A 147 -13.37 -7.89 2.62
C VAL A 147 -14.40 -8.25 3.67
N GLU A 148 -15.43 -9.00 3.27
CA GLU A 148 -16.46 -9.41 4.20
C GLU A 148 -15.97 -10.52 5.12
N GLY A 149 -16.28 -10.40 6.40
CA GLY A 149 -16.03 -11.46 7.35
C GLY A 149 -14.83 -11.18 8.25
N ASP A 150 -14.64 -12.11 9.19
CA ASP A 150 -13.59 -12.03 10.20
C ASP A 150 -12.60 -13.15 9.92
N PHE A 151 -11.41 -12.79 9.43
CA PHE A 151 -10.40 -13.76 9.08
C PHE A 151 -9.40 -13.98 10.21
N LEU A 152 -9.75 -13.61 11.44
CA LEU A 152 -8.93 -13.88 12.62
C LEU A 152 -7.52 -13.32 12.43
N ALA A 153 -7.46 -12.05 12.04
CA ALA A 153 -6.18 -11.41 11.82
C ALA A 153 -5.48 -11.13 13.14
N ASP A 154 -4.16 -11.03 13.08
CA ASP A 154 -3.36 -10.61 14.23
C ASP A 154 -2.68 -9.28 14.01
N VAL A 155 -2.81 -8.69 12.83
CA VAL A 155 -2.34 -7.34 12.55
C VAL A 155 -3.48 -6.60 11.86
N PHE A 156 -3.66 -5.33 12.22
CA PHE A 156 -4.83 -4.56 11.80
C PHE A 156 -4.40 -3.26 11.15
N PHE A 157 -5.27 -2.72 10.30
CA PHE A 157 -5.11 -1.39 9.76
C PHE A 157 -5.18 -0.37 10.90
N PRO A 158 -4.45 0.74 10.80
CA PRO A 158 -4.55 1.76 11.86
C PRO A 158 -5.97 2.27 12.05
N ARG A 159 -6.24 2.77 13.25
CA ARG A 159 -7.45 3.54 13.47
C ARG A 159 -7.35 4.85 12.70
N VAL A 160 -8.28 5.08 11.80
CA VAL A 160 -8.26 6.25 10.94
C VAL A 160 -9.59 6.98 11.10
N ASP A 161 -9.56 8.31 11.05
CA ASP A 161 -10.77 9.12 11.09
C ASP A 161 -11.21 9.35 9.66
N TYR A 162 -12.23 8.60 9.23
CA TYR A 162 -12.72 8.76 7.86
C TYR A 162 -13.34 10.12 7.62
N GLY A 163 -13.65 10.88 8.68
CA GLY A 163 -14.11 12.24 8.52
C GLY A 163 -13.08 13.17 7.92
N ARG A 164 -11.81 12.77 7.92
CA ARG A 164 -10.78 13.54 7.24
C ARG A 164 -10.89 13.46 5.72
N PHE A 165 -11.70 12.55 5.19
CA PHE A 165 -11.67 12.17 3.79
C PHE A 165 -13.04 12.35 3.14
N ILE A 166 -13.02 12.47 1.83
CA ILE A 166 -14.21 12.39 0.98
C ILE A 166 -14.21 11.02 0.32
N LYS A 167 -15.27 10.24 0.53
CA LYS A 167 -15.41 8.95 -0.12
C LYS A 167 -15.94 9.15 -1.53
N SER A 168 -15.23 8.59 -2.52
CA SER A 168 -15.67 8.69 -3.90
C SER A 168 -17.00 7.96 -4.08
N THR A 169 -17.81 8.45 -5.03
CA THR A 169 -19.17 7.94 -5.19
C THR A 169 -19.36 7.16 -6.48
N GLU A 170 -18.29 6.76 -7.16
CA GLU A 170 -18.46 5.88 -8.32
C GLU A 170 -19.15 4.60 -7.90
N SER A 171 -19.88 3.98 -8.83
CA SER A 171 -20.55 2.73 -8.52
C SER A 171 -19.51 1.66 -8.20
N GLU A 172 -19.75 0.93 -7.11
CA GLU A 172 -18.84 -0.14 -6.68
C GLU A 172 -19.66 -1.38 -6.38
N GLU A 173 -19.49 -2.40 -7.20
CA GLU A 173 -20.20 -3.66 -7.05
C GLU A 173 -19.49 -4.55 -6.05
N MET A 174 -20.17 -5.63 -5.65
CA MET A 174 -19.53 -6.67 -4.87
C MET A 174 -18.71 -7.57 -5.79
N HIS A 175 -17.58 -8.05 -5.27
CA HIS A 175 -16.71 -9.00 -5.97
C HIS A 175 -16.64 -10.29 -5.16
N GLU A 176 -16.38 -11.41 -5.84
CA GLU A 176 -16.23 -12.67 -5.13
C GLU A 176 -15.24 -13.58 -5.82
N GLU A 177 -14.26 -14.08 -5.06
CA GLU A 177 -13.36 -15.14 -5.50
C GLU A 177 -13.19 -16.14 -4.36
N LYS A 178 -13.19 -17.43 -4.71
CA LYS A 178 -12.95 -18.50 -3.74
C LYS A 178 -13.92 -18.40 -2.56
N GLY A 179 -15.14 -17.93 -2.81
CA GLY A 179 -16.11 -17.78 -1.74
C GLY A 179 -15.88 -16.58 -0.84
N ILE A 180 -14.93 -15.71 -1.17
CA ILE A 180 -14.63 -14.52 -0.37
C ILE A 180 -15.16 -13.30 -1.11
N LYS A 181 -15.94 -12.48 -0.40
CA LYS A 181 -16.60 -11.33 -0.98
C LYS A 181 -15.91 -10.05 -0.55
N TYR A 182 -15.85 -9.06 -1.46
CA TYR A 182 -15.20 -7.80 -1.14
C TYR A 182 -15.72 -6.69 -2.04
N ARG A 183 -15.45 -5.45 -1.62
CA ARG A 183 -15.89 -4.25 -2.32
C ARG A 183 -14.78 -3.21 -2.24
N TYR A 184 -14.62 -2.44 -3.31
CA TYR A 184 -13.59 -1.40 -3.35
C TYR A 184 -14.15 -0.07 -2.88
N GLU A 185 -13.29 0.70 -2.18
CA GLU A 185 -13.60 2.04 -1.72
C GLU A 185 -12.41 2.95 -2.00
N ILE A 186 -12.68 4.20 -2.33
CA ILE A 186 -11.64 5.19 -2.61
C ILE A 186 -11.94 6.43 -1.78
N TYR A 187 -10.94 6.92 -1.06
CA TYR A 187 -11.07 8.09 -0.20
C TYR A 187 -10.01 9.11 -0.61
N THR A 188 -10.41 10.39 -0.62
CA THR A 188 -9.49 11.47 -0.91
C THR A 188 -9.45 12.42 0.28
N ILE A 189 -8.23 12.80 0.70
CA ILE A 189 -8.10 13.72 1.83
C ILE A 189 -8.81 15.02 1.50
N LYS A 190 -9.52 15.58 2.49
CA LYS A 190 -10.38 16.73 2.24
C LYS A 190 -9.58 17.96 1.81
N THR A 191 -8.34 18.08 2.27
CA THR A 191 -7.53 19.22 1.89
C THR A 191 -7.09 19.16 0.43
N ASP A 192 -7.34 18.06 -0.28
CA ASP A 192 -7.06 17.95 -1.71
C ASP A 192 -8.34 18.01 -2.54
N LYS A 193 -9.48 17.87 -1.88
CA LYS A 193 -10.78 17.86 -2.56
C5B NDP B . 2.70 -7.30 8.17
PA NDP C . 5.37 -4.35 8.65
O1A NDP C . 4.96 -2.97 9.06
O2A NDP C . 5.15 -4.87 7.27
O5B NDP C . 6.98 -4.49 8.95
C5B NDP C . 7.19 -4.02 10.26
C4B NDP C . 8.70 -3.78 10.30
O4B NDP C . 9.02 -2.78 9.34
C3B NDP C . 9.24 -3.28 11.66
O3B NDP C . 9.49 -4.35 12.52
C2B NDP C . 10.57 -2.70 11.15
O2B NDP C . 11.36 -3.61 10.63
C1B NDP C . 10.04 -1.97 9.88
N9A NDP C . 9.52 -0.63 10.08
C8A NDP C . 8.19 -0.20 10.13
N7A NDP C . 8.07 1.13 10.31
C5A NDP C . 9.39 1.58 10.35
C6A NDP C . 9.95 2.86 10.51
N6A NDP C . 9.15 3.96 10.65
N1A NDP C . 11.31 3.05 10.51
C2A NDP C . 12.06 1.90 10.37
N3A NDP C . 11.67 0.63 10.22
C4A NDP C . 10.31 0.49 10.21
O3 NDP C . 4.75 -5.42 9.80
PN NDP C . 3.17 -5.58 9.97
O1N NDP C . 3.02 -6.81 10.77
O2N NDP C . 2.42 -4.33 10.38
O5D NDP C . 2.36 -6.01 8.48
C4D NDP C . 1.44 -8.15 8.19
O4D NDP C . 0.31 -7.46 7.57
C3D NDP C . 1.69 -9.39 7.32
O3D NDP C . 0.85 -10.39 7.80
C2D NDP C . 1.22 -8.91 5.94
O2D NDP C . 0.84 -9.97 5.12
C1D NDP C . -0.05 -8.12 6.35
N1N NDP C . -0.38 -7.08 5.37
C2N NDP C . -1.61 -7.08 4.74
C3N NDP C . -1.99 -6.03 3.96
C7N NDP C . -3.30 -6.08 3.36
O7N NDP C . -3.69 -5.27 2.51
N7N NDP C . -4.17 -7.07 3.77
C4N NDP C . -1.10 -4.86 3.71
C5N NDP C . 0.23 -5.01 4.33
C6N NDP C . 0.54 -6.06 5.10
P2B NDP C . 12.76 -4.09 11.61
O1X NDP C . 12.00 -4.84 12.66
O2X NDP C . 13.58 -4.91 10.62
O3X NDP C . 13.28 -2.73 11.99
O1 OED D . -2.98 -7.93 -1.39
C6 OED D . -0.39 -4.73 0.48
C7 OED D . -0.09 -7.28 0.14
C9 OED D . 1.77 -7.24 -1.66
C10 OED D . 2.37 -7.74 -2.83
C11 OED D . 1.79 -8.76 -3.50
C12 OED D . 0.60 -9.35 -3.01
C13 OED D . 0.02 -8.85 -1.85
C14 OED D . 2.44 -9.36 -4.80
C15 OED D . 2.64 -9.80 -7.25
C16 OED D . 2.31 -11.10 -7.63
C18 OED D . 4.03 -11.05 -9.33
C20 OED D . 3.68 -9.13 -7.90
C21 OED D . 6.63 -8.93 -8.95
C22 OED D . 1.16 -11.87 -6.90
C23 OED D . 1.65 -12.75 -5.79
C1 OED D . -2.37 -4.39 -0.39
C17 OED D . 3.00 -11.73 -8.67
C19 OED D . 4.37 -9.76 -8.96
C2 OED D . -2.13 -5.75 -0.55
C3 OED D . -3.13 -6.50 -1.18
C4 OED D . -4.42 -4.59 -1.41
C5 OED D . -0.85 -5.95 0.01
C8 OED D . 0.59 -7.80 -1.18
N1 OED D . -3.53 -3.84 -0.83
N2 OED D . -4.25 -5.89 -1.59
N3 OED D . -1.33 -3.82 0.23
N4 OED D . -5.65 -3.99 -1.88
N5 OED D . 1.91 -9.15 -6.14
O2 OED D . 3.38 -10.00 -4.69
O3 OED D . 5.43 -9.09 -9.65
O4 OED D . 2.84 -12.64 -5.36
O5 OED D . 0.88 -13.63 -5.28
#